data_7ZIR
#
_entry.id   7ZIR
#
_cell.length_a   1.00
_cell.length_b   1.00
_cell.length_c   1.00
_cell.angle_alpha   90.00
_cell.angle_beta   90.00
_cell.angle_gamma   90.00
#
_symmetry.space_group_name_H-M   'P 1'
#
loop_
_entity.id
_entity.type
_entity.pdbx_description
1 polymer 'Heterogeneous nuclear ribonucleoprotein D-like'
2 water water
#
_entity_poly.entity_id   1
_entity_poly.type   'polypeptide(L)'
_entity_poly.pdbx_seq_one_letter_code
;MHHHHHHGSLQDSEVNQEAKPEVKPEVKPETHINLKVSDGSSEIFFKIKKTTPLRRLMEAFAKRQGKEMDSLTFLYDGIE
IQADQTPEDLDMEDNDIIEAHREQIGGEDMNEYSNIEEFAEGSKINASKNQQDDGKMFIGGLSWDTSKKDLTEYLSRFGE
VVDCTIKTDPVTGRSRGFGFVLFKDAASVDKVLELKEHKLDGKLIDPKRAKALKGKEPPKKVFVGGLSPDTSEEQIKEYF
GAFGEIENIELPMDTKTNERRGFCFITYTDEEPVKKLLESRYHQIGSGKCEIKVAQPKEVYRQQQQQQKGGRGAAAGGRG
GTRGRGRGQGQNWNQGFNNYYDQGYGNYNSAYGGDQNYSGYGGYDYTGYNYGNYGYGQGYADYSGQQSTYGKASRGGGNH
QNNYQPY
;
_entity_poly.pdbx_strand_id   C,A,E,D,B
#
# COMPACT_ATOMS: atom_id res chain seq x y z
N ASN A 332 15.62 19.85 -1.56
CA ASN A 332 14.19 20.15 -1.45
C ASN A 332 13.36 19.14 -2.21
N TRP A 333 12.61 18.33 -1.46
CA TRP A 333 11.72 17.32 -2.02
C TRP A 333 10.30 17.68 -1.64
N ASN A 334 9.45 17.88 -2.66
CA ASN A 334 8.07 18.30 -2.45
C ASN A 334 7.11 17.25 -3.00
N GLN A 335 6.09 16.91 -2.22
CA GLN A 335 5.04 16.00 -2.65
C GLN A 335 3.65 16.49 -2.25
N GLY A 336 3.54 17.68 -1.67
CA GLY A 336 2.27 18.21 -1.21
C GLY A 336 1.73 19.30 -2.10
N PHE A 337 1.01 20.24 -1.48
CA PHE A 337 0.36 21.35 -2.20
C PHE A 337 -0.60 20.81 -3.27
N ASN A 338 -1.33 19.76 -2.92
CA ASN A 338 -2.30 19.15 -3.82
C ASN A 338 -3.72 19.55 -3.40
N ASN A 339 -4.61 19.62 -4.39
CA ASN A 339 -6.01 19.94 -4.17
C ASN A 339 -6.86 18.74 -4.57
N TYR A 340 -7.77 18.35 -3.69
CA TYR A 340 -8.66 17.21 -3.92
C TYR A 340 -10.10 17.68 -3.91
N TYR A 341 -10.86 17.28 -4.93
CA TYR A 341 -12.26 17.66 -5.06
C TYR A 341 -13.11 16.41 -5.21
N ASP A 342 -14.39 16.55 -4.87
CA ASP A 342 -15.33 15.44 -4.99
C ASP A 342 -14.87 14.23 -4.19
N GLN A 343 -14.55 13.14 -4.87
CA GLN A 343 -14.12 11.90 -4.22
C GLN A 343 -12.65 11.58 -4.48
N GLY A 344 -11.84 12.60 -4.78
CA GLY A 344 -10.42 12.40 -5.00
C GLY A 344 -9.69 12.22 -3.68
N TYR A 345 -8.69 11.33 -3.67
CA TYR A 345 -7.93 11.04 -2.47
C TYR A 345 -6.46 10.82 -2.82
N GLY A 346 -5.63 10.77 -1.78
CA GLY A 346 -4.21 10.50 -1.93
C GLY A 346 -3.58 9.97 -0.66
N ASN A 347 -2.83 8.87 -0.78
CA ASN A 347 -2.22 8.21 0.37
C ASN A 347 -0.72 8.33 0.32
N TYR A 348 -0.10 8.43 1.49
CA TYR A 348 1.35 8.55 1.63
C TYR A 348 1.86 7.38 2.46
N ASN A 349 2.68 6.53 1.86
CA ASN A 349 3.37 5.46 2.57
C ASN A 349 4.87 5.79 2.54
N SER A 350 5.41 6.16 3.69
CA SER A 350 6.77 6.68 3.77
C SER A 350 7.56 5.90 4.81
N ALA A 351 8.89 5.91 4.63
CA ALA A 351 9.81 5.27 5.56
C ALA A 351 11.08 6.11 5.62
N TYR A 352 11.29 6.80 6.73
CA TYR A 352 12.47 7.64 6.91
C TYR A 352 13.59 6.81 7.53
N GLY A 353 14.74 6.78 6.87
CA GLY A 353 15.85 5.97 7.36
C GLY A 353 15.56 4.49 7.34
N GLY A 354 14.90 4.00 6.30
CA GLY A 354 14.57 2.60 6.22
C GLY A 354 14.08 2.24 4.83
N ASP A 355 13.58 1.01 4.72
CA ASP A 355 13.08 0.49 3.46
C ASP A 355 11.57 0.31 3.54
N GLN A 356 10.88 0.76 2.49
CA GLN A 356 9.42 0.69 2.42
C GLN A 356 9.03 -0.44 1.46
N ASN A 357 8.22 -1.37 1.96
CA ASN A 357 7.80 -2.54 1.19
C ASN A 357 6.29 -2.46 0.95
N TYR A 358 5.89 -2.56 -0.30
CA TYR A 358 4.47 -2.52 -0.68
C TYR A 358 4.08 -3.87 -1.27
N SER A 359 3.06 -4.50 -0.70
CA SER A 359 2.58 -5.78 -1.20
C SER A 359 1.05 -5.87 -1.20
N GLY A 360 0.35 -4.76 -1.09
CA GLY A 360 -1.09 -4.75 -0.96
C GLY A 360 -1.82 -4.63 -2.28
N TYR A 361 -3.04 -4.12 -2.21
CA TYR A 361 -3.91 -3.97 -3.37
C TYR A 361 -4.36 -2.53 -3.50
N GLY A 362 -4.60 -2.11 -4.74
CA GLY A 362 -5.07 -0.76 -5.01
C GLY A 362 -5.88 -0.73 -6.29
N GLY A 363 -6.50 0.42 -6.54
CA GLY A 363 -7.32 0.59 -7.71
C GLY A 363 -8.80 0.48 -7.41
N TYR A 364 -9.58 -0.02 -8.38
CA TYR A 364 -11.02 -0.18 -8.18
C TYR A 364 -11.53 -1.33 -9.03
N ASP A 365 -12.68 -1.86 -8.63
CA ASP A 365 -13.35 -2.94 -9.35
C ASP A 365 -12.44 -4.16 -9.49
N TYR A 366 -11.90 -4.61 -8.36
CA TYR A 366 -10.99 -5.75 -8.33
C TYR A 366 -11.34 -6.67 -7.17
N THR A 367 -10.88 -7.92 -7.29
CA THR A 367 -11.00 -8.93 -6.24
C THR A 367 -9.60 -9.41 -5.87
N GLY A 368 -9.29 -9.40 -4.58
CA GLY A 368 -7.99 -9.79 -4.10
C GLY A 368 -8.07 -10.90 -3.08
N TYR A 369 -7.10 -11.82 -3.13
CA TYR A 369 -6.97 -12.91 -2.17
C TYR A 369 -5.57 -12.85 -1.60
N ASN A 370 -5.46 -12.74 -0.27
CA ASN A 370 -4.16 -12.68 0.39
C ASN A 370 -3.90 -14.00 1.09
N TYR A 371 -2.79 -14.65 0.71
CA TYR A 371 -2.36 -15.90 1.35
C TYR A 371 -0.88 -15.84 1.72
N GLY A 372 -0.28 -14.66 1.70
CA GLY A 372 1.16 -14.57 1.92
C GLY A 372 1.56 -14.87 3.35
N ASN A 373 2.81 -15.26 3.52
CA ASN A 373 3.39 -15.53 4.83
C ASN A 373 4.27 -14.36 5.23
N TYR A 374 3.95 -13.72 6.35
CA TYR A 374 4.70 -12.58 6.84
C TYR A 374 5.36 -12.82 8.19
N GLY A 375 5.01 -13.89 8.89
CA GLY A 375 5.61 -14.19 10.17
C GLY A 375 6.48 -15.43 10.12
N TYR A 376 6.08 -16.47 10.87
CA TYR A 376 6.79 -17.73 10.92
C TYR A 376 5.82 -18.86 10.62
N GLY A 377 6.12 -19.65 9.59
CA GLY A 377 5.29 -20.77 9.21
C GLY A 377 5.02 -20.78 7.71
N GLN A 378 3.76 -20.98 7.35
CA GLN A 378 3.34 -21.03 5.96
C GLN A 378 2.04 -20.27 5.80
N GLY A 379 1.82 -19.74 4.60
CA GLY A 379 0.61 -18.98 4.32
C GLY A 379 -0.55 -19.84 3.90
N TYR A 380 -0.33 -20.71 2.91
CA TYR A 380 -1.35 -21.61 2.40
C TYR A 380 -0.91 -23.05 2.63
N ALA A 381 -1.76 -23.84 3.27
CA ALA A 381 -1.48 -25.23 3.57
C ALA A 381 -2.41 -26.11 2.74
N ASP A 382 -1.85 -26.87 1.80
CA ASP A 382 -2.63 -27.74 0.95
C ASP A 382 -2.30 -29.20 1.20
N ASN B 332 16.86 20.76 -11.70
CA ASN B 332 15.42 20.85 -11.58
C ASN B 332 14.74 19.67 -12.25
N TRP B 333 14.12 18.82 -11.43
CA TRP B 333 13.39 17.65 -11.91
C TRP B 333 11.93 17.81 -11.52
N ASN B 334 11.05 17.80 -12.53
CA ASN B 334 9.63 18.03 -12.32
C ASN B 334 8.83 16.82 -12.78
N GLN B 335 7.89 16.38 -11.95
CA GLN B 335 6.98 15.31 -12.30
C GLN B 335 5.53 15.60 -11.90
N GLY B 336 5.25 16.80 -11.41
CA GLY B 336 3.92 17.16 -10.96
C GLY B 336 3.21 18.11 -11.90
N PHE B 337 2.36 18.97 -11.34
CA PHE B 337 1.55 19.90 -12.12
C PHE B 337 0.67 19.15 -13.12
N ASN B 338 0.11 18.03 -12.69
CA ASN B 338 -0.78 17.22 -13.52
C ASN B 338 -2.22 17.43 -13.09
N ASN B 339 -3.13 17.31 -14.07
CA ASN B 339 -4.56 17.42 -13.84
C ASN B 339 -5.23 16.09 -14.14
N TYR B 340 -6.06 15.62 -13.21
CA TYR B 340 -6.76 14.35 -13.36
C TYR B 340 -8.26 14.60 -13.34
N TYR B 341 -8.96 14.02 -14.31
CA TYR B 341 -10.40 14.17 -14.45
C TYR B 341 -11.06 12.81 -14.49
N ASP B 342 -12.35 12.77 -14.13
CA ASP B 342 -13.10 11.53 -14.15
C ASP B 342 -12.46 10.47 -13.27
N GLN B 343 -11.97 9.39 -13.89
CA GLN B 343 -11.36 8.28 -13.17
C GLN B 343 -9.86 8.16 -13.44
N GLY B 344 -9.21 9.27 -13.82
CA GLY B 344 -7.79 9.26 -14.05
C GLY B 344 -7.02 9.30 -12.74
N TYR B 345 -5.91 8.56 -12.69
CA TYR B 345 -5.09 8.47 -11.49
C TYR B 345 -3.62 8.46 -11.86
N GLY B 346 -2.77 8.61 -10.83
CA GLY B 346 -1.33 8.54 -10.99
C GLY B 346 -0.62 8.20 -9.71
N ASN B 347 0.28 7.22 -9.77
CA ASN B 347 0.99 6.75 -8.58
C ASN B 347 2.48 7.08 -8.68
N TYR B 348 3.08 7.37 -7.53
CA TYR B 348 4.50 7.70 -7.43
C TYR B 348 5.19 6.70 -6.52
N ASN B 349 6.12 5.92 -7.08
CA ASN B 349 6.98 5.02 -6.34
C ASN B 349 8.40 5.57 -6.41
N SER B 350 8.90 6.11 -5.30
CA SER B 350 10.16 6.82 -5.28
C SER B 350 11.08 6.25 -4.21
N ALA B 351 12.37 6.44 -4.42
CA ALA B 351 13.40 6.02 -3.47
C ALA B 351 14.53 7.03 -3.50
N TYR B 352 14.65 7.83 -2.44
CA TYR B 352 15.68 8.85 -2.35
C TYR B 352 16.92 8.25 -1.68
N GLY B 353 18.06 8.34 -2.36
CA GLY B 353 19.28 7.74 -1.85
C GLY B 353 19.22 6.23 -1.76
N GLY B 354 18.63 5.58 -2.76
CA GLY B 354 18.52 4.14 -2.74
C GLY B 354 18.07 3.62 -4.08
N ASP B 355 17.76 2.32 -4.10
CA ASP B 355 17.33 1.64 -5.31
C ASP B 355 15.86 1.25 -5.19
N GLN B 356 15.10 1.51 -6.24
CA GLN B 356 13.67 1.21 -6.28
C GLN B 356 13.45 -0.02 -7.15
N ASN B 357 12.78 -1.03 -6.57
CA ASN B 357 12.53 -2.29 -7.25
C ASN B 357 11.04 -2.47 -7.45
N TYR B 358 10.64 -2.72 -8.70
CA TYR B 358 9.23 -2.91 -9.04
C TYR B 358 9.04 -4.34 -9.53
N SER B 359 8.12 -5.08 -8.90
CA SER B 359 7.84 -6.45 -9.30
C SER B 359 6.35 -6.77 -9.25
N GLY B 360 5.48 -5.76 -9.21
CA GLY B 360 4.06 -5.96 -9.04
C GLY B 360 3.31 -6.05 -10.36
N TYR B 361 2.03 -5.72 -10.29
CA TYR B 361 1.13 -5.79 -11.45
C TYR B 361 0.47 -4.44 -11.66
N GLY B 362 0.15 -4.15 -12.93
CA GLY B 362 -0.51 -2.91 -13.27
C GLY B 362 -1.34 -3.09 -14.54
N GLY B 363 -2.12 -2.07 -14.85
CA GLY B 363 -2.98 -2.12 -16.01
C GLY B 363 -4.43 -2.42 -15.68
N TYR B 364 -5.13 -3.10 -16.58
CA TYR B 364 -6.52 -3.45 -16.35
C TYR B 364 -6.86 -4.73 -17.10
N ASP B 365 -7.91 -5.39 -16.65
CA ASP B 365 -8.42 -6.61 -17.28
C ASP B 365 -7.34 -7.68 -17.35
N TYR B 366 -6.73 -7.98 -16.19
CA TYR B 366 -5.65 -8.95 -16.11
C TYR B 366 -5.85 -9.84 -14.89
N THR B 367 -5.21 -11.01 -14.94
CA THR B 367 -5.16 -11.94 -13.81
C THR B 367 -3.71 -12.18 -13.44
N GLY B 368 -3.39 -12.02 -12.17
CA GLY B 368 -2.02 -12.18 -11.68
C GLY B 368 -1.94 -13.23 -10.59
N TYR B 369 -0.84 -13.98 -10.60
CA TYR B 369 -0.54 -14.98 -9.56
C TYR B 369 0.86 -14.67 -9.03
N ASN B 370 0.96 -14.46 -7.73
CA ASN B 370 2.23 -14.14 -7.08
C ASN B 370 2.71 -15.36 -6.30
N TYR B 371 3.90 -15.86 -6.65
CA TYR B 371 4.52 -16.97 -5.96
C TYR B 371 5.98 -16.67 -5.62
N GLY B 372 6.39 -15.42 -5.73
CA GLY B 372 7.79 -15.09 -5.54
C GLY B 372 8.24 -15.23 -4.11
N ASN B 373 9.56 -15.42 -3.94
CA ASN B 373 10.18 -15.51 -2.63
C ASN B 373 10.88 -14.19 -2.33
N TYR B 374 10.48 -13.54 -1.24
CA TYR B 374 11.05 -12.26 -0.85
C TYR B 374 11.75 -12.30 0.49
N GLY B 375 11.58 -13.36 1.27
CA GLY B 375 12.24 -13.48 2.55
C GLY B 375 13.28 -14.57 2.59
N TYR B 376 13.05 -15.59 3.40
CA TYR B 376 13.94 -16.73 3.53
C TYR B 376 13.14 -18.01 3.32
N GLY B 377 13.56 -18.82 2.35
CA GLY B 377 12.90 -20.08 2.06
C GLY B 377 12.62 -20.23 0.57
N GLN B 378 11.39 -20.65 0.26
CA GLN B 378 10.97 -20.86 -1.12
C GLN B 378 9.57 -20.31 -1.30
N GLY B 379 9.26 -19.90 -2.53
CA GLY B 379 7.95 -19.35 -2.85
C GLY B 379 6.92 -20.41 -3.17
N TYR B 380 7.27 -21.31 -4.10
CA TYR B 380 6.38 -22.39 -4.53
C TYR B 380 7.05 -23.72 -4.21
N ALA B 381 6.33 -24.58 -3.50
CA ALA B 381 6.82 -25.90 -3.10
C ALA B 381 6.01 -26.95 -3.86
N ASP B 382 6.68 -27.68 -4.74
CA ASP B 382 6.03 -28.72 -5.53
C ASP B 382 6.58 -30.10 -5.18
N ASN C 332 14.08 18.38 8.45
CA ASN C 332 12.72 18.89 8.56
C ASN C 332 11.75 18.07 7.72
N TRP C 333 10.87 17.35 8.41
CA TRP C 333 9.85 16.52 7.77
C TRP C 333 8.49 17.07 8.16
N ASN C 334 7.70 17.46 7.16
CA ASN C 334 6.40 18.08 7.39
C ASN C 334 5.30 17.23 6.75
N GLN C 335 4.23 17.00 7.51
CA GLN C 335 3.06 16.30 7.00
C GLN C 335 1.75 16.96 7.43
N GLY C 336 1.82 18.12 8.08
CA GLY C 336 0.63 18.80 8.57
C GLY C 336 0.29 20.03 7.76
N PHE C 337 -0.30 21.02 8.43
CA PHE C 337 -0.75 22.25 7.78
C PHE C 337 -1.76 21.95 6.67
N ASN C 338 -2.65 21.00 6.95
CA ASN C 338 -3.70 20.61 6.01
C ASN C 338 -5.04 21.19 6.44
N ASN C 339 -5.88 21.47 5.45
CA ASN C 339 -7.23 21.98 5.68
C ASN C 339 -8.24 20.96 5.19
N TYR C 340 -9.22 20.65 6.04
CA TYR C 340 -10.26 19.68 5.71
C TYR C 340 -11.62 20.37 5.74
N TYR C 341 -12.41 20.16 4.70
CA TYR C 341 -13.73 20.76 4.58
C TYR C 341 -14.77 19.66 4.34
N ASP C 342 -16.02 19.97 4.68
CA ASP C 342 -17.11 19.04 4.48
C ASP C 342 -16.85 17.73 5.19
N GLN C 343 -16.68 16.64 4.44
CA GLN C 343 -16.47 15.32 5.00
C GLN C 343 -15.06 14.79 4.73
N GLY C 344 -14.10 15.69 4.51
CA GLY C 344 -12.72 15.28 4.29
C GLY C 344 -12.05 14.90 5.60
N TYR C 345 -11.20 13.88 5.55
CA TYR C 345 -10.51 13.38 6.73
C TYR C 345 -9.10 12.97 6.38
N GLY C 346 -8.30 12.72 7.42
CA GLY C 346 -6.94 12.25 7.27
C GLY C 346 -6.42 11.55 8.50
N ASN C 347 -5.85 10.36 8.31
CA ASN C 347 -5.37 9.53 9.41
C ASN C 347 -3.85 9.41 9.38
N TYR C 348 -3.25 9.34 10.56
CA TYR C 348 -1.80 9.22 10.72
C TYR C 348 -1.49 7.94 11.48
N ASN C 349 -0.80 7.01 10.82
CA ASN C 349 -0.29 5.80 11.44
C ASN C 349 1.23 5.90 11.46
N SER C 350 1.80 6.11 12.64
CA SER C 350 3.22 6.40 12.77
C SER C 350 3.87 5.44 13.76
N ALA C 351 5.18 5.25 13.59
CA ALA C 351 5.98 4.42 14.48
C ALA C 351 7.37 5.05 14.59
N TYR C 352 7.66 5.62 15.76
CA TYR C 352 8.95 6.26 16.01
C TYR C 352 9.91 5.23 16.58
N GLY C 353 11.06 5.07 15.93
CA GLY C 353 12.02 4.06 16.36
C GLY C 353 11.50 2.64 16.24
N GLY C 354 10.80 2.34 15.15
CA GLY C 354 10.26 1.01 14.97
C GLY C 354 9.74 0.83 13.56
N ASP C 355 9.07 -0.30 13.35
CA ASP C 355 8.52 -0.65 12.05
C ASP C 355 7.00 -0.58 12.11
N GLN C 356 6.39 0.02 11.11
CA GLN C 356 4.95 0.18 11.01
C GLN C 356 4.41 -0.81 9.98
N ASN C 357 3.46 -1.63 10.39
CA ASN C 357 2.88 -2.67 9.55
C ASN C 357 1.40 -2.35 9.31
N TYR C 358 1.01 -2.30 8.04
CA TYR C 358 -0.37 -2.01 7.65
C TYR C 358 -0.95 -3.24 6.97
N SER C 359 -2.07 -3.73 7.49
CA SER C 359 -2.74 -4.89 6.89
C SER C 359 -4.25 -4.75 6.88
N GLY C 360 -4.78 -3.55 7.07
CA GLY C 360 -6.21 -3.33 7.18
C GLY C 360 -6.88 -3.01 5.87
N TYR C 361 -8.01 -2.32 5.96
CA TYR C 361 -8.82 -1.96 4.81
C TYR C 361 -9.05 -0.46 4.79
N GLY C 362 -9.20 0.08 3.57
CA GLY C 362 -9.44 1.49 3.39
C GLY C 362 -10.22 1.74 2.11
N GLY C 363 -10.65 2.98 1.94
CA GLY C 363 -11.42 3.35 0.77
C GLY C 363 -12.90 3.45 1.05
N TYR C 364 -13.73 3.14 0.06
CA TYR C 364 -15.18 3.20 0.22
C TYR C 364 -15.85 2.19 -0.71
N ASP C 365 -17.08 1.82 -0.36
CA ASP C 365 -17.88 0.91 -1.16
C ASP C 365 -17.17 -0.43 -1.37
N TYR C 366 -16.74 -1.03 -0.27
CA TYR C 366 -16.00 -2.29 -0.31
C TYR C 366 -16.51 -3.23 0.77
N THR C 367 -16.25 -4.52 0.56
CA THR C 367 -16.54 -5.56 1.55
C THR C 367 -15.24 -6.28 1.89
N GLY C 368 -14.95 -6.40 3.18
CA GLY C 368 -13.73 -7.02 3.64
C GLY C 368 -14.00 -8.19 4.58
N TYR C 369 -13.19 -9.22 4.48
CA TYR C 369 -13.25 -10.38 5.36
C TYR C 369 -11.85 -10.59 5.95
N ASN C 370 -11.76 -10.59 7.27
CA ASN C 370 -10.48 -10.76 7.95
C ASN C 370 -10.42 -12.16 8.56
N TYR C 371 -9.43 -12.94 8.15
CA TYR C 371 -9.20 -14.27 8.68
C TYR C 371 -7.74 -14.48 9.08
N GLY C 372 -6.96 -13.41 9.15
CA GLY C 372 -5.54 -13.55 9.38
C GLY C 372 -5.21 -14.00 10.79
N ASN C 373 -4.04 -14.59 10.94
CA ASN C 373 -3.54 -15.03 12.23
C ASN C 373 -2.49 -14.05 12.72
N TYR C 374 -2.73 -13.45 13.88
CA TYR C 374 -1.83 -12.47 14.46
C TYR C 374 -1.23 -12.90 15.79
N GLY C 375 -1.75 -13.96 16.40
CA GLY C 375 -1.22 -14.43 17.67
C GLY C 375 -0.56 -15.78 17.55
N TYR C 376 -1.13 -16.78 18.21
CA TYR C 376 -0.62 -18.15 18.18
C TYR C 376 -1.76 -19.09 17.79
N GLY C 377 -1.54 -19.85 16.71
CA GLY C 377 -2.54 -20.80 16.24
C GLY C 377 -2.78 -20.67 14.75
N GLN C 378 -4.05 -20.64 14.36
CA GLN C 378 -4.45 -20.53 12.97
C GLN C 378 -5.62 -19.57 12.86
N GLY C 379 -5.73 -18.93 11.69
CA GLY C 379 -6.79 -17.97 11.46
C GLY C 379 -8.08 -18.62 10.97
N TYR C 380 -7.97 -19.45 9.92
CA TYR C 380 -9.11 -20.14 9.35
C TYR C 380 -8.88 -21.64 9.48
N ALA C 381 -9.87 -22.33 10.05
CA ALA C 381 -9.80 -23.77 10.25
C ALA C 381 -10.85 -24.43 9.36
N ASP C 382 -10.39 -25.20 8.38
CA ASP C 382 -11.28 -25.88 7.45
C ASP C 382 -11.19 -27.39 7.60
N ASN D 332 14.88 19.18 3.47
CA ASN D 332 13.48 19.58 3.57
C ASN D 332 12.58 18.66 2.77
N TRP D 333 11.76 17.89 3.49
CA TRP D 333 10.80 16.96 2.89
C TRP D 333 9.40 17.43 3.27
N ASN D 334 8.58 17.72 2.26
CA ASN D 334 7.24 18.24 2.47
C ASN D 334 6.21 17.29 1.87
N GLN D 335 5.16 17.00 2.64
CA GLN D 335 4.05 16.19 2.18
C GLN D 335 2.69 16.77 2.58
N GLY D 336 2.67 17.95 3.19
CA GLY D 336 1.43 18.55 3.65
C GLY D 336 0.99 19.73 2.80
N PHE D 337 0.34 20.70 3.44
CA PHE D 337 -0.21 21.86 2.75
C PHE D 337 -1.20 21.44 1.67
N ASN D 338 -2.02 20.44 1.97
CA ASN D 338 -3.03 19.93 1.05
C ASN D 338 -4.41 20.42 1.47
N ASN D 339 -5.28 20.60 0.48
CA ASN D 339 -6.66 21.02 0.70
C ASN D 339 -7.59 19.91 0.26
N TYR D 340 -8.55 19.54 1.12
CA TYR D 340 -9.50 18.49 0.83
C TYR D 340 -10.91 19.08 0.85
N TYR D 341 -11.69 18.77 -0.19
CA TYR D 341 -13.05 19.25 -0.32
C TYR D 341 -14.00 18.08 -0.51
N ASP D 342 -15.26 18.30 -0.17
CA ASP D 342 -16.29 17.28 -0.34
C ASP D 342 -15.93 16.01 0.43
N GLN D 343 -15.68 14.91 -0.29
CA GLN D 343 -15.35 13.63 0.32
C GLN D 343 -13.91 13.21 0.06
N GLY D 344 -13.02 14.18 -0.19
CA GLY D 344 -11.62 13.86 -0.41
C GLY D 344 -10.92 13.59 0.91
N TYR D 345 -10.00 12.63 0.90
CA TYR D 345 -9.27 12.23 2.09
C TYR D 345 -7.81 11.92 1.75
N GLY D 346 -7.00 11.77 2.79
CA GLY D 346 -5.61 11.41 2.64
C GLY D 346 -5.04 10.78 3.90
N ASN D 347 -4.38 9.64 3.75
CA ASN D 347 -3.83 8.89 4.88
C ASN D 347 -2.31 8.90 4.85
N TYR D 348 -1.70 8.91 6.03
CA TYR D 348 -0.25 8.91 6.18
C TYR D 348 0.15 7.69 6.99
N ASN D 349 0.92 6.79 6.36
CA ASN D 349 1.52 5.65 7.03
C ASN D 349 3.03 5.86 7.02
N SER D 350 3.59 6.16 8.20
CA SER D 350 4.98 6.56 8.31
C SER D 350 5.71 5.70 9.33
N ALA D 351 7.03 5.61 9.16
CA ALA D 351 7.89 4.87 10.08
C ALA D 351 9.22 5.60 10.16
N TYR D 352 9.48 6.25 11.30
CA TYR D 352 10.71 6.99 11.51
C TYR D 352 11.75 6.06 12.12
N GLY D 353 12.91 5.96 11.47
CA GLY D 353 13.94 5.05 11.93
C GLY D 353 13.54 3.60 11.87
N GLY D 354 12.86 3.19 10.80
CA GLY D 354 12.43 1.82 10.67
C GLY D 354 11.92 1.54 9.28
N ASP D 355 11.34 0.36 9.11
CA ASP D 355 10.80 -0.08 7.83
C ASP D 355 9.29 -0.13 7.90
N GLN D 356 8.64 0.39 6.87
CA GLN D 356 7.18 0.44 6.78
C GLN D 356 6.72 -0.63 5.78
N ASN D 357 5.83 -1.51 6.24
CA ASN D 357 5.33 -2.61 5.43
C ASN D 357 3.83 -2.42 5.19
N TYR D 358 3.44 -2.45 3.93
CA TYR D 358 2.04 -2.29 3.54
C TYR D 358 1.55 -3.58 2.90
N SER D 359 0.47 -4.14 3.44
CA SER D 359 -0.10 -5.37 2.90
C SER D 359 -1.63 -5.35 2.89
N GLY D 360 -2.24 -4.18 3.03
CA GLY D 360 -3.68 -4.07 3.15
C GLY D 360 -4.38 -3.85 1.82
N TYR D 361 -5.56 -3.25 1.90
CA TYR D 361 -6.40 -3.00 0.75
C TYR D 361 -6.74 -1.52 0.66
N GLY D 362 -6.94 -1.04 -0.57
CA GLY D 362 -7.30 0.34 -0.81
C GLY D 362 -8.09 0.47 -2.08
N GLY D 363 -8.62 1.68 -2.30
CA GLY D 363 -9.42 1.95 -3.48
C GLY D 363 -10.91 1.94 -3.20
N TYR D 364 -11.71 1.52 -4.17
CA TYR D 364 -13.15 1.48 -4.00
C TYR D 364 -13.74 0.39 -4.88
N ASP D 365 -14.94 -0.05 -4.51
CA ASP D 365 -15.67 -1.06 -5.27
C ASP D 365 -14.87 -2.34 -5.44
N TYR D 366 -14.38 -2.88 -4.32
CA TYR D 366 -13.55 -4.07 -4.32
C TYR D 366 -13.98 -5.00 -3.20
N THR D 367 -13.62 -6.27 -3.36
CA THR D 367 -13.83 -7.29 -2.34
C THR D 367 -12.48 -7.91 -1.98
N GLY D 368 -12.18 -7.95 -0.69
CA GLY D 368 -10.91 -8.46 -0.20
C GLY D 368 -11.09 -9.61 0.78
N TYR D 369 -10.19 -10.58 0.70
CA TYR D 369 -10.16 -11.71 1.64
C TYR D 369 -8.76 -11.78 2.22
N ASN D 370 -8.65 -11.73 3.54
CA ASN D 370 -7.37 -11.77 4.22
C ASN D 370 -7.21 -13.13 4.88
N TYR D 371 -6.15 -13.85 4.49
CA TYR D 371 -5.82 -15.14 5.08
C TYR D 371 -4.35 -15.22 5.47
N GLY D 372 -3.66 -14.09 5.50
CA GLY D 372 -2.23 -14.11 5.72
C GLY D 372 -1.86 -14.49 7.15
N ASN D 373 -0.64 -14.98 7.31
CA ASN D 373 -0.10 -15.34 8.61
C ASN D 373 0.87 -14.25 9.06
N TYR D 374 0.58 -13.63 10.21
CA TYR D 374 1.41 -12.56 10.74
C TYR D 374 2.04 -12.89 12.08
N GLY D 375 1.60 -13.96 12.74
CA GLY D 375 2.17 -14.34 14.01
C GLY D 375 2.94 -15.65 13.95
N TYR D 376 2.45 -16.67 14.65
CA TYR D 376 3.06 -17.98 14.67
C TYR D 376 2.00 -19.02 14.31
N GLY D 377 2.26 -19.81 13.27
CA GLY D 377 1.36 -20.85 12.84
C GLY D 377 1.09 -20.78 11.35
N GLN D 378 -0.18 -20.88 10.97
CA GLN D 378 -0.58 -20.84 9.57
C GLN D 378 -1.82 -19.98 9.43
N GLY D 379 -2.00 -19.40 8.25
CA GLY D 379 -3.12 -18.54 7.98
C GLY D 379 -4.35 -19.30 7.52
N TYR D 380 -4.19 -20.16 6.51
CA TYR D 380 -5.27 -20.95 5.97
C TYR D 380 -4.93 -22.42 6.15
N ALA D 381 -5.86 -23.18 6.75
CA ALA D 381 -5.68 -24.60 7.01
C ALA D 381 -6.68 -25.36 6.15
N ASP D 382 -6.17 -26.13 5.20
CA ASP D 382 -7.00 -26.92 4.30
C ASP D 382 -6.78 -28.41 4.51
N ASN E 332 16.36 20.31 -6.56
CA ASN E 332 14.93 20.51 -6.46
C ASN E 332 14.15 19.40 -7.18
N TRP E 333 13.46 18.57 -6.40
CA TRP E 333 12.65 17.48 -6.92
C TRP E 333 11.21 17.75 -6.55
N ASN E 334 10.34 17.85 -7.55
CA ASN E 334 8.93 18.18 -7.35
C ASN E 334 8.06 17.05 -7.86
N GLN E 335 7.07 16.66 -7.05
CA GLN E 335 6.08 15.67 -7.45
C GLN E 335 4.66 16.07 -7.05
N GLY E 336 4.47 17.27 -6.51
CA GLY E 336 3.16 17.72 -6.06
C GLY E 336 2.54 18.75 -6.97
N PHE E 337 1.76 19.65 -6.38
CA PHE E 337 1.03 20.67 -7.14
C PHE E 337 0.10 20.04 -8.17
N ASN E 338 -0.55 18.95 -7.79
CA ASN E 338 -1.48 18.24 -8.64
C ASN E 338 -2.91 18.55 -8.23
N ASN E 339 -3.82 18.53 -9.21
CA ASN E 339 -5.24 18.75 -8.99
C ASN E 339 -6.01 17.49 -9.35
N TYR E 340 -6.88 17.05 -8.45
CA TYR E 340 -7.68 15.85 -8.64
C TYR E 340 -9.15 16.22 -8.63
N TYR E 341 -9.88 15.73 -9.62
CA TYR E 341 -11.31 16.00 -9.77
C TYR E 341 -12.07 14.69 -9.86
N ASP E 342 -13.35 14.74 -9.51
CA ASP E 342 -14.22 13.57 -9.59
C ASP E 342 -13.66 12.42 -8.76
N GLN E 343 -13.26 11.33 -9.40
CA GLN E 343 -12.74 10.15 -8.72
C GLN E 343 -11.26 9.93 -8.98
N GLY E 344 -10.52 10.99 -9.32
CA GLY E 344 -9.09 10.89 -9.55
C GLY E 344 -8.34 10.80 -8.23
N TYR E 345 -7.29 9.99 -8.20
CA TYR E 345 -6.49 9.79 -7.00
C TYR E 345 -5.02 9.68 -7.35
N GLY E 346 -4.18 9.72 -6.32
CA GLY E 346 -2.75 9.54 -6.48
C GLY E 346 -2.08 9.09 -5.19
N ASN E 347 -1.25 8.05 -5.28
CA ASN E 347 -0.59 7.48 -4.11
C ASN E 347 0.91 7.70 -4.19
N TYR E 348 1.53 7.89 -3.02
CA TYR E 348 2.97 8.11 -2.91
C TYR E 348 3.56 7.02 -2.03
N ASN E 349 4.43 6.20 -2.61
CA ASN E 349 5.22 5.21 -1.89
C ASN E 349 6.67 5.64 -1.94
N SER E 350 7.20 6.09 -0.80
CA SER E 350 8.52 6.70 -0.75
C SER E 350 9.38 6.01 0.31
N ALA E 351 10.70 6.11 0.12
CA ALA E 351 11.67 5.57 1.06
C ALA E 351 12.87 6.50 1.07
N TYR E 352 13.04 7.25 2.17
CA TYR E 352 14.15 8.18 2.31
C TYR E 352 15.33 7.46 2.95
N GLY E 353 16.48 7.48 2.28
CA GLY E 353 17.65 6.77 2.78
C GLY E 353 17.46 5.26 2.81
N GLY E 354 16.84 4.71 1.79
CA GLY E 354 16.61 3.28 1.76
C GLY E 354 16.14 2.84 0.40
N ASP E 355 15.73 1.58 0.31
CA ASP E 355 15.26 0.98 -0.93
C ASP E 355 13.76 0.70 -0.82
N GLN E 356 13.03 1.06 -1.87
CA GLN E 356 11.59 0.88 -1.94
C GLN E 356 11.28 -0.30 -2.85
N ASN E 357 10.54 -1.28 -2.33
CA ASN E 357 10.19 -2.49 -3.05
C ASN E 357 8.69 -2.54 -3.26
N TYR E 358 8.28 -2.71 -4.52
CA TYR E 358 6.87 -2.77 -4.89
C TYR E 358 6.57 -4.17 -5.43
N SER E 359 5.58 -4.85 -4.83
CA SER E 359 5.21 -6.17 -5.29
C SER E 359 3.69 -6.38 -5.26
N GLY E 360 2.91 -5.31 -5.19
CA GLY E 360 1.47 -5.40 -5.04
C GLY E 360 0.73 -5.38 -6.36
N TYR E 361 -0.53 -4.96 -6.30
CA TYR E 361 -1.41 -4.91 -7.46
C TYR E 361 -1.96 -3.50 -7.62
N GLY E 362 -2.25 -3.14 -8.87
CA GLY E 362 -2.81 -1.85 -9.18
C GLY E 362 -3.62 -1.91 -10.46
N GLY E 363 -4.33 -0.82 -10.73
CA GLY E 363 -5.18 -0.75 -11.91
C GLY E 363 -6.64 -0.96 -11.60
N TYR E 364 -7.38 -1.54 -12.53
CA TYR E 364 -8.81 -1.80 -12.32
C TYR E 364 -9.23 -3.01 -13.13
N ASP E 365 -10.34 -3.61 -12.69
CA ASP E 365 -10.94 -4.75 -13.39
C ASP E 365 -9.94 -5.91 -13.49
N TYR E 366 -9.37 -6.29 -12.34
CA TYR E 366 -8.37 -7.35 -12.29
C TYR E 366 -8.65 -8.26 -11.10
N THR E 367 -8.11 -9.48 -11.19
CA THR E 367 -8.14 -10.45 -10.11
C THR E 367 -6.71 -10.83 -9.74
N GLY E 368 -6.40 -10.75 -8.45
CA GLY E 368 -5.05 -11.02 -7.96
C GLY E 368 -5.06 -12.11 -6.91
N TYR E 369 -4.02 -12.96 -6.94
CA TYR E 369 -3.81 -14.00 -5.94
C TYR E 369 -2.41 -13.82 -5.39
N ASN E 370 -2.30 -13.67 -4.07
CA ASN E 370 -1.01 -13.49 -3.41
C ASN E 370 -0.64 -14.76 -2.67
N TYR E 371 0.51 -15.35 -3.04
CA TYR E 371 1.03 -16.53 -2.38
C TYR E 371 2.50 -16.36 -2.02
N GLY E 372 3.02 -15.14 -2.08
CA GLY E 372 4.44 -14.93 -1.87
C GLY E 372 4.87 -15.16 -0.44
N ASN E 373 6.15 -15.45 -0.27
CA ASN E 373 6.75 -15.65 1.04
C ASN E 373 7.56 -14.40 1.39
N TYR E 374 7.20 -13.75 2.50
CA TYR E 374 7.85 -12.54 2.95
C TYR E 374 8.55 -12.69 4.29
N GLY E 375 8.28 -13.76 5.03
CA GLY E 375 8.92 -13.97 6.31
C GLY E 375 9.87 -15.15 6.31
N TYR E 376 9.55 -16.18 7.09
CA TYR E 376 10.35 -17.39 7.17
C TYR E 376 9.45 -18.59 6.91
N GLY E 377 9.82 -19.40 5.91
CA GLY E 377 9.07 -20.59 5.57
C GLY E 377 8.78 -20.67 4.07
N GLN E 378 7.53 -20.97 3.73
CA GLN E 378 7.11 -21.09 2.34
C GLN E 378 5.76 -20.43 2.17
N GLY E 379 5.49 -19.95 0.96
CA GLY E 379 4.24 -19.29 0.67
C GLY E 379 3.13 -20.25 0.29
N TYR E 380 3.41 -21.14 -0.67
CA TYR E 380 2.44 -22.12 -1.14
C TYR E 380 3.00 -23.51 -0.88
N ALA E 381 2.21 -24.35 -0.21
CA ALA E 381 2.60 -25.71 0.13
C ALA E 381 1.72 -26.67 -0.65
N ASP E 382 2.33 -27.41 -1.57
CA ASP E 382 1.60 -28.37 -2.40
C ASP E 382 2.04 -29.80 -2.11
#